data_3VIO
#
_entry.id   3VIO
#
_cell.length_a   92.954
_cell.length_b   68.506
_cell.length_c   75.326
_cell.angle_alpha   90.00
_cell.angle_beta   95.55
_cell.angle_gamma   90.00
#
_symmetry.space_group_name_H-M   'C 1 2 1'
#
loop_
_entity.id
_entity.type
_entity.pdbx_description
1 polymer Beta-glucosidase
2 non-polymer '3-{4-[2-(beta-D-glucopyranosyloxy)ethyl]piperazin-1-yl}propane-1-sulfonic acid'
3 non-polymer GLYCEROL
4 non-polymer 'SODIUM ION'
5 non-polymer 'CHLORIDE ION'
6 water water
#
_entity_poly.entity_id   1
_entity_poly.type   'polypeptide(L)'
_entity_poly.pdbx_seq_one_letter_code
;MDVASSDTVYTFPDEFKLGAATASYQIEGAWDENGKGPNIWDTLTHEHPDYVVDGATGDIADDSYHLYKEDVKILKELGA
QVYRFSISWARVLPEGHDNIVNQDGIDYYNNLINELLANGIEPMVTMYHWDLPQALQDLGGWPNLVLAKYSENYARVLFK
NFGDRVKLWLTFNDPLTFMDGYASEIGMAPSINTPGIGDYLAAHTVIHAHARIYHLYDQEFRAEQGGKVGISLNINWCEP
ATNSAEDRASCENYQQFNLGLYAHPIFTEEGDYPAVLKDRVSRNSADEGYTDSRLPQFTAEEVEYIRGTHDFLGINFYTA
LLGKSGVEGYEPSRYRDSGVILTQDAAWPISASSWLKVVPWGFRKELNWIKNEYNNPPVFITENGFSDYGGLNDTGRVHY
YTEHLKEMLKAIHEDGVNVIGYTAWSLMDNFEWLRGYSEKFGIYAVDFEDPARPRIPKESAKVLAEIMNTRKIPERFRDL
EHHHHHH
;
_entity_poly.pdbx_strand_id   A
#
loop_
_chem_comp.id
_chem_comp.type
_chem_comp.name
_chem_comp.formula
CL non-polymer 'CHLORIDE ION' 'Cl -1'
GBE non-polymer '3-{4-[2-(beta-D-glucopyranosyloxy)ethyl]piperazin-1-yl}propane-1-sulfonic acid' 'C15 H30 N2 O9 S'
GOL non-polymer GLYCEROL 'C3 H8 O3'
NA non-polymer 'SODIUM ION' 'Na 1'
#
# COMPACT_ATOMS: atom_id res chain seq x y z
N THR A 8 12.84 -7.47 26.95
CA THR A 8 13.40 -6.60 25.88
C THR A 8 12.78 -6.87 24.51
N VAL A 9 12.66 -8.15 24.14
CA VAL A 9 12.14 -8.53 22.83
C VAL A 9 10.66 -8.18 22.68
N TYR A 10 10.02 -7.82 23.80
CA TYR A 10 8.61 -7.44 23.83
C TYR A 10 8.37 -5.93 23.94
N THR A 11 9.45 -5.14 23.94
CA THR A 11 9.35 -3.69 24.12
C THR A 11 9.67 -2.94 22.83
N PHE A 12 8.88 -1.93 22.51
CA PHE A 12 9.15 -1.13 21.32
C PHE A 12 10.32 -0.19 21.57
N PRO A 13 11.21 -0.02 20.58
CA PRO A 13 12.25 1.00 20.73
C PRO A 13 11.63 2.36 21.00
N ASP A 14 12.34 3.20 21.75
CA ASP A 14 11.81 4.48 22.20
C ASP A 14 11.31 5.39 21.09
N GLU A 15 12.03 5.40 19.97
CA GLU A 15 11.70 6.32 18.85
C GLU A 15 10.70 5.71 17.86
N PHE A 16 10.35 4.44 18.04
CA PHE A 16 9.47 3.72 17.11
C PHE A 16 8.09 4.36 17.08
N LYS A 17 7.51 4.56 15.89
CA LYS A 17 6.20 5.23 15.79
C LYS A 17 5.06 4.26 15.55
N LEU A 18 4.04 4.29 16.39
CA LEU A 18 2.87 3.41 16.27
C LEU A 18 1.64 4.22 15.90
N GLY A 19 0.82 3.68 15.01
CA GLY A 19 -0.43 4.35 14.66
C GLY A 19 -1.36 3.48 13.83
N ALA A 20 -2.15 4.14 12.97
CA ALA A 20 -3.14 3.45 12.15
C ALA A 20 -3.23 4.17 10.80
N ALA A 21 -3.86 3.51 9.83
CA ALA A 21 -3.86 3.96 8.44
C ALA A 21 -5.22 3.85 7.79
N THR A 22 -5.44 4.70 6.79
CA THR A 22 -6.60 4.69 5.91
C THR A 22 -6.17 5.13 4.50
N ALA A 23 -7.12 5.15 3.58
CA ALA A 23 -6.95 5.65 2.22
C ALA A 23 -8.19 6.43 1.83
N SER A 24 -8.00 7.44 0.98
CA SER A 24 -9.03 8.42 0.67
C SER A 24 -10.32 7.84 0.11
N TYR A 25 -10.25 7.05 -0.95
CA TYR A 25 -11.49 6.55 -1.55
C TYR A 25 -12.18 5.61 -0.57
N GLN A 26 -11.40 4.91 0.26
CA GLN A 26 -11.99 3.94 1.16
C GLN A 26 -12.80 4.57 2.29
N ILE A 27 -12.53 5.83 2.63
CA ILE A 27 -13.12 6.47 3.81
C ILE A 27 -13.87 7.78 3.57
N GLU A 28 -13.48 8.57 2.57
CA GLU A 28 -13.92 9.97 2.55
C GLU A 28 -15.36 10.23 2.19
N GLY A 29 -15.89 9.51 1.21
CA GLY A 29 -17.15 9.90 0.60
C GLY A 29 -17.04 11.24 -0.10
N ALA A 30 -18.14 12.00 -0.08
CA ALA A 30 -18.16 13.33 -0.69
C ALA A 30 -17.53 13.30 -2.08
N TRP A 31 -17.90 12.29 -2.88
CA TRP A 31 -17.19 11.96 -4.12
C TRP A 31 -17.30 13.04 -5.21
N ASP A 32 -18.34 13.86 -5.14
CA ASP A 32 -18.51 14.94 -6.09
C ASP A 32 -18.81 16.28 -5.41
N GLU A 33 -18.43 16.39 -4.14
CA GLU A 33 -18.76 17.57 -3.35
C GLU A 33 -17.70 18.65 -3.52
N ASN A 34 -18.19 19.89 -3.55
CA ASN A 34 -17.33 21.07 -3.50
C ASN A 34 -16.15 21.01 -4.47
N GLY A 35 -16.46 20.68 -5.72
CA GLY A 35 -15.49 20.78 -6.80
C GLY A 35 -14.65 19.55 -7.08
N LYS A 36 -14.76 18.50 -6.26
CA LYS A 36 -13.96 17.31 -6.52
C LYS A 36 -14.31 16.72 -7.86
N GLY A 37 -13.29 16.37 -8.64
CA GLY A 37 -13.49 15.72 -9.91
C GLY A 37 -13.58 14.21 -9.80
N PRO A 38 -14.03 13.54 -10.86
CA PRO A 38 -14.22 12.09 -10.82
C PRO A 38 -12.88 11.36 -10.93
N ASN A 39 -12.79 10.25 -10.20
CA ASN A 39 -11.65 9.35 -10.32
C ASN A 39 -12.07 7.98 -10.84
N ILE A 40 -11.10 7.10 -11.06
CA ILE A 40 -11.37 5.81 -11.68
C ILE A 40 -12.24 4.91 -10.80
N TRP A 41 -12.24 5.15 -9.48
CA TRP A 41 -13.10 4.35 -8.59
C TRP A 41 -14.54 4.86 -8.59
N ASP A 42 -14.74 6.17 -8.70
CA ASP A 42 -16.07 6.70 -9.04
C ASP A 42 -16.59 6.02 -10.30
N THR A 43 -15.75 5.97 -11.32
CA THR A 43 -16.15 5.36 -12.58
C THR A 43 -16.48 3.89 -12.42
N LEU A 44 -15.60 3.13 -11.77
CA LEU A 44 -15.83 1.70 -11.63
C LEU A 44 -17.13 1.43 -10.87
N THR A 45 -17.28 2.08 -9.73
CA THR A 45 -18.43 1.73 -8.86
C THR A 45 -19.73 2.24 -9.45
N HIS A 46 -19.67 3.31 -10.25
CA HIS A 46 -20.89 3.81 -10.89
C HIS A 46 -21.28 3.06 -12.15
N GLU A 47 -20.30 2.71 -12.97
CA GLU A 47 -20.56 2.09 -14.26
C GLU A 47 -20.55 0.57 -14.20
N HIS A 48 -19.82 0.01 -13.24
CA HIS A 48 -19.65 -1.44 -13.16
C HIS A 48 -19.94 -1.97 -11.77
N PRO A 49 -21.17 -1.75 -11.26
CA PRO A 49 -21.48 -2.27 -9.93
C PRO A 49 -21.44 -3.81 -9.88
N ASP A 50 -21.54 -4.45 -11.03
CA ASP A 50 -21.37 -5.90 -11.11
C ASP A 50 -19.96 -6.37 -10.75
N TYR A 51 -18.99 -5.46 -10.71
CA TYR A 51 -17.64 -5.84 -10.31
C TYR A 51 -17.45 -5.85 -8.79
N VAL A 52 -18.39 -5.29 -8.05
CA VAL A 52 -18.22 -5.02 -6.62
C VAL A 52 -19.26 -5.78 -5.82
N VAL A 53 -18.84 -6.39 -4.71
CA VAL A 53 -19.81 -7.05 -3.83
C VAL A 53 -20.91 -6.06 -3.42
N ASP A 54 -22.15 -6.50 -3.52
CA ASP A 54 -23.32 -5.71 -3.17
C ASP A 54 -23.54 -4.49 -4.07
N GLY A 55 -22.76 -4.34 -5.15
CA GLY A 55 -22.83 -3.11 -5.93
C GLY A 55 -22.47 -1.89 -5.09
N ALA A 56 -21.61 -2.08 -4.10
CA ALA A 56 -21.25 -0.98 -3.20
C ALA A 56 -20.46 0.11 -3.91
N THR A 57 -20.56 1.33 -3.37
CA THR A 57 -19.74 2.43 -3.86
C THR A 57 -19.06 3.12 -2.67
N GLY A 58 -18.05 3.92 -3.01
CA GLY A 58 -17.45 4.83 -2.05
C GLY A 58 -18.09 6.22 -2.04
N ASP A 59 -19.35 6.34 -2.47
CA ASP A 59 -19.97 7.66 -2.55
C ASP A 59 -20.00 8.36 -1.20
N ILE A 60 -20.26 7.57 -0.14
CA ILE A 60 -20.27 8.08 1.25
C ILE A 60 -19.17 7.42 2.07
N ALA A 61 -19.08 6.10 2.01
CA ALA A 61 -18.05 5.37 2.77
C ALA A 61 -18.18 5.75 4.25
N ASP A 62 -17.07 6.09 4.92
CA ASP A 62 -17.10 6.51 6.31
C ASP A 62 -17.44 7.98 6.49
N ASP A 63 -17.66 8.67 5.37
CA ASP A 63 -17.97 10.10 5.38
C ASP A 63 -16.87 10.92 6.06
N SER A 64 -15.62 10.48 5.93
CA SER A 64 -14.51 11.20 6.56
C SER A 64 -14.26 12.58 5.99
N TYR A 65 -14.76 12.87 4.81
CA TYR A 65 -14.72 14.24 4.34
C TYR A 65 -15.44 15.19 5.32
N HIS A 66 -16.58 14.76 5.83
CA HIS A 66 -17.31 15.55 6.83
C HIS A 66 -16.89 15.25 8.27
N LEU A 67 -16.48 14.01 8.53
CA LEU A 67 -16.30 13.51 9.89
C LEU A 67 -14.84 13.37 10.30
N TYR A 68 -13.95 14.08 9.62
CA TYR A 68 -12.52 13.96 9.95
C TYR A 68 -12.20 14.25 11.42
N LYS A 69 -12.96 15.15 12.07
CA LYS A 69 -12.70 15.40 13.48
C LYS A 69 -12.99 14.17 14.33
N GLU A 70 -13.95 13.35 13.92
CA GLU A 70 -14.24 12.10 14.62
C GLU A 70 -13.11 11.09 14.42
N ASP A 71 -12.50 11.10 13.25
CA ASP A 71 -11.34 10.24 13.01
C ASP A 71 -10.21 10.65 13.95
N VAL A 72 -9.99 11.95 14.09
CA VAL A 72 -8.92 12.39 14.99
C VAL A 72 -9.23 12.00 16.43
N LYS A 73 -10.50 12.13 16.83
CA LYS A 73 -10.93 11.74 18.16
C LYS A 73 -10.61 10.26 18.46
N ILE A 74 -10.89 9.36 17.53
CA ILE A 74 -10.60 7.95 17.77
C ILE A 74 -9.10 7.66 17.70
N LEU A 75 -8.37 8.38 16.85
CA LEU A 75 -6.91 8.27 16.88
C LEU A 75 -6.32 8.69 18.21
N LYS A 76 -6.87 9.76 18.78
CA LYS A 76 -6.43 10.23 20.08
C LYS A 76 -6.76 9.21 21.17
N GLU A 77 -7.97 8.64 21.14
CA GLU A 77 -8.37 7.57 22.06
CA GLU A 77 -8.33 7.60 22.10
C GLU A 77 -7.44 6.36 21.96
N LEU A 78 -7.11 5.99 20.74
CA LEU A 78 -6.19 4.89 20.50
C LEU A 78 -4.79 5.16 21.03
N GLY A 79 -4.41 6.44 21.05
CA GLY A 79 -3.06 6.84 21.40
C GLY A 79 -2.10 6.74 20.24
N ALA A 80 -2.60 6.83 19.01
CA ALA A 80 -1.74 6.83 17.84
C ALA A 80 -0.73 7.98 17.86
N GLN A 81 0.51 7.67 17.54
CA GLN A 81 1.53 8.71 17.35
C GLN A 81 1.55 9.25 15.92
N VAL A 82 1.06 8.43 14.99
CA VAL A 82 1.09 8.74 13.57
CA VAL A 82 1.09 8.71 13.56
C VAL A 82 -0.22 8.26 12.95
N TYR A 83 -0.74 9.05 12.02
CA TYR A 83 -1.90 8.68 11.23
C TYR A 83 -1.49 8.73 9.76
N ARG A 84 -1.51 7.57 9.12
CA ARG A 84 -1.24 7.47 7.68
C ARG A 84 -2.57 7.56 6.95
N PHE A 85 -2.69 8.57 6.07
CA PHE A 85 -3.89 8.74 5.26
C PHE A 85 -3.41 9.10 3.86
N SER A 86 -4.33 9.03 2.90
CA SER A 86 -3.98 9.44 1.55
C SER A 86 -4.74 10.70 1.13
N ILE A 87 -4.20 11.36 0.11
CA ILE A 87 -4.85 12.51 -0.48
C ILE A 87 -5.49 12.09 -1.80
N SER A 88 -6.73 12.53 -2.00
CA SER A 88 -7.44 12.27 -3.23
C SER A 88 -7.00 13.24 -4.33
N TRP A 89 -6.29 12.72 -5.33
CA TRP A 89 -5.76 13.56 -6.40
C TRP A 89 -6.87 14.45 -6.98
N ALA A 90 -8.02 13.86 -7.32
CA ALA A 90 -9.09 14.60 -7.97
C ALA A 90 -9.84 15.54 -7.04
N ARG A 91 -9.66 15.39 -5.72
CA ARG A 91 -10.17 16.42 -4.81
C ARG A 91 -9.34 17.69 -4.84
N VAL A 92 -8.03 17.54 -5.08
CA VAL A 92 -7.10 18.65 -5.12
C VAL A 92 -6.97 19.25 -6.53
N LEU A 93 -6.81 18.39 -7.53
CA LEU A 93 -6.67 18.79 -8.94
C LEU A 93 -7.81 18.10 -9.70
N PRO A 94 -9.01 18.74 -9.79
CA PRO A 94 -10.16 18.00 -10.31
C PRO A 94 -10.01 17.53 -11.73
N GLU A 95 -9.14 18.22 -12.49
CA GLU A 95 -8.88 17.88 -13.89
CA GLU A 95 -8.90 17.90 -13.89
C GLU A 95 -7.64 17.01 -14.05
N GLY A 96 -7.01 16.66 -12.94
CA GLY A 96 -5.81 15.82 -12.98
C GLY A 96 -4.56 16.65 -13.20
N HIS A 97 -4.55 17.43 -14.28
CA HIS A 97 -3.50 18.40 -14.56
C HIS A 97 -3.54 19.50 -13.51
N ASP A 98 -2.44 20.25 -13.40
CA ASP A 98 -2.33 21.25 -12.35
C ASP A 98 -2.85 22.63 -12.70
N ASN A 99 -3.66 22.76 -13.75
CA ASN A 99 -4.20 24.06 -14.11
C ASN A 99 -5.22 24.59 -13.12
N ILE A 100 -5.98 23.70 -12.49
CA ILE A 100 -6.98 24.10 -11.51
C ILE A 100 -6.72 23.41 -10.17
N VAL A 101 -6.54 24.23 -9.14
CA VAL A 101 -6.39 23.71 -7.78
C VAL A 101 -7.69 24.00 -7.05
N ASN A 102 -8.30 22.96 -6.50
CA ASN A 102 -9.57 23.07 -5.81
C ASN A 102 -9.31 23.49 -4.37
N GLN A 103 -9.59 24.75 -4.06
CA GLN A 103 -9.35 25.28 -2.71
CA GLN A 103 -9.30 25.24 -2.71
C GLN A 103 -10.06 24.49 -1.63
N ASP A 104 -11.25 23.97 -1.96
CA ASP A 104 -11.96 23.15 -0.99
C ASP A 104 -11.15 21.95 -0.55
N GLY A 105 -10.48 21.30 -1.51
CA GLY A 105 -9.59 20.18 -1.22
C GLY A 105 -8.37 20.57 -0.41
N ILE A 106 -7.76 21.69 -0.76
CA ILE A 106 -6.66 22.23 0.03
C ILE A 106 -7.11 22.45 1.47
N ASP A 107 -8.25 23.10 1.64
CA ASP A 107 -8.77 23.40 2.96
C ASP A 107 -9.05 22.14 3.76
N TYR A 108 -9.61 21.13 3.10
CA TYR A 108 -9.96 19.88 3.77
C TYR A 108 -8.72 19.21 4.36
N TYR A 109 -7.69 19.01 3.54
CA TYR A 109 -6.50 18.35 4.03
C TYR A 109 -5.76 19.23 5.04
N ASN A 110 -5.76 20.55 4.86
CA ASN A 110 -5.20 21.41 5.90
C ASN A 110 -5.96 21.23 7.21
N ASN A 111 -7.29 21.17 7.14
CA ASN A 111 -8.11 20.99 8.34
C ASN A 111 -7.77 19.70 9.06
N LEU A 112 -7.60 18.63 8.31
CA LEU A 112 -7.26 17.35 8.90
C LEU A 112 -5.86 17.38 9.50
N ILE A 113 -4.88 17.88 8.75
CA ILE A 113 -3.51 17.99 9.24
C ILE A 113 -3.45 18.82 10.54
N ASN A 114 -4.13 19.95 10.53
CA ASN A 114 -4.09 20.84 11.69
C ASN A 114 -4.77 20.22 12.90
N GLU A 115 -5.87 19.51 12.67
CA GLU A 115 -6.56 18.81 13.74
C GLU A 115 -5.69 17.70 14.34
N LEU A 116 -4.99 16.94 13.49
CA LEU A 116 -4.05 15.93 13.97
C LEU A 116 -2.97 16.55 14.84
N LEU A 117 -2.31 17.59 14.33
CA LEU A 117 -1.22 18.23 15.07
C LEU A 117 -1.67 18.83 16.41
N ALA A 118 -2.88 19.38 16.43
CA ALA A 118 -3.45 19.96 17.65
C ALA A 118 -3.71 18.89 18.69
N ASN A 119 -3.83 17.64 18.25
CA ASN A 119 -4.08 16.51 19.12
C ASN A 119 -2.83 15.64 19.31
N GLY A 120 -1.68 16.16 18.89
CA GLY A 120 -0.38 15.52 19.07
C GLY A 120 -0.14 14.29 18.23
N ILE A 121 -0.79 14.22 17.06
CA ILE A 121 -0.66 13.08 16.15
C ILE A 121 0.03 13.55 14.88
N GLU A 122 1.07 12.83 14.46
CA GLU A 122 1.85 13.18 13.27
C GLU A 122 1.16 12.68 11.99
N PRO A 123 1.00 13.55 10.98
CA PRO A 123 0.47 13.09 9.69
C PRO A 123 1.52 12.37 8.84
N MET A 124 1.12 11.27 8.23
CA MET A 124 1.93 10.58 7.25
C MET A 124 1.06 10.47 6.00
N VAL A 125 1.52 11.07 4.90
CA VAL A 125 0.65 11.24 3.74
C VAL A 125 1.08 10.41 2.56
N THR A 126 0.15 9.56 2.11
CA THR A 126 0.27 8.87 0.84
C THR A 126 -0.28 9.74 -0.27
N MET A 127 0.54 10.05 -1.27
CA MET A 127 0.06 10.87 -2.38
C MET A 127 -0.93 10.14 -3.27
N TYR A 128 -0.63 8.89 -3.57
CA TYR A 128 -1.44 8.10 -4.50
C TYR A 128 -1.80 6.74 -3.91
N HIS A 129 -3.07 6.57 -3.55
CA HIS A 129 -3.60 5.29 -3.09
C HIS A 129 -4.79 4.90 -3.96
N TRP A 130 -4.53 4.86 -5.27
CA TRP A 130 -5.31 4.09 -6.27
C TRP A 130 -6.41 4.89 -6.98
N ASP A 131 -6.60 6.15 -6.60
CA ASP A 131 -7.73 6.94 -7.06
C ASP A 131 -7.32 7.97 -8.15
N LEU A 132 -6.85 7.47 -9.28
CA LEU A 132 -6.43 8.32 -10.39
C LEU A 132 -7.59 9.15 -10.94
N PRO A 133 -7.39 10.45 -11.18
CA PRO A 133 -8.42 11.23 -11.88
C PRO A 133 -8.81 10.58 -13.20
N GLN A 134 -10.11 10.54 -13.48
CA GLN A 134 -10.58 9.96 -14.73
C GLN A 134 -9.98 10.68 -15.95
N ALA A 135 -9.78 11.99 -15.86
CA ALA A 135 -9.22 12.72 -17.00
C ALA A 135 -7.85 12.22 -17.40
N LEU A 136 -7.10 11.66 -16.44
CA LEU A 136 -5.79 11.10 -16.73
C LEU A 136 -5.89 9.66 -17.19
N GLN A 137 -6.85 8.91 -16.66
CA GLN A 137 -7.11 7.58 -17.20
C GLN A 137 -7.53 7.65 -18.66
N ASP A 138 -8.22 8.73 -19.03
CA ASP A 138 -8.65 8.87 -20.41
C ASP A 138 -7.52 9.02 -21.42
N LEU A 139 -6.32 9.38 -20.95
CA LEU A 139 -5.11 9.36 -21.77
C LEU A 139 -4.44 8.00 -21.84
N GLY A 140 -5.01 7.03 -21.11
CA GLY A 140 -4.45 5.69 -20.97
C GLY A 140 -4.09 5.37 -19.53
N GLY A 141 -4.02 6.37 -18.67
CA GLY A 141 -3.63 6.09 -17.28
C GLY A 141 -2.20 5.64 -17.18
N TRP A 142 -1.92 4.81 -16.17
CA TRP A 142 -0.55 4.49 -15.82
C TRP A 142 0.34 3.93 -16.94
N PRO A 143 -0.19 3.13 -17.89
CA PRO A 143 0.67 2.71 -19.00
C PRO A 143 1.23 3.85 -19.86
N ASN A 144 0.65 5.05 -19.76
CA ASN A 144 1.12 6.20 -20.52
C ASN A 144 2.11 7.00 -19.69
N LEU A 145 3.37 7.01 -20.14
CA LEU A 145 4.47 7.63 -19.40
C LEU A 145 4.28 9.12 -19.18
N VAL A 146 3.40 9.79 -19.93
CA VAL A 146 3.14 11.19 -19.65
C VAL A 146 2.67 11.45 -18.21
N LEU A 147 2.08 10.42 -17.57
CA LEU A 147 1.64 10.54 -16.19
C LEU A 147 2.77 10.77 -15.20
N ALA A 148 4.02 10.46 -15.54
CA ALA A 148 5.11 10.74 -14.60
C ALA A 148 5.28 12.24 -14.35
N LYS A 149 5.24 13.05 -15.40
CA LYS A 149 5.29 14.50 -15.21
C LYS A 149 4.03 14.99 -14.50
N TYR A 150 2.86 14.44 -14.85
CA TYR A 150 1.64 14.88 -14.18
C TYR A 150 1.72 14.61 -12.66
N SER A 151 2.33 13.46 -12.34
CA SER A 151 2.53 13.08 -10.93
C SER A 151 3.47 14.03 -10.21
N GLU A 152 4.56 14.42 -10.87
CA GLU A 152 5.43 15.44 -10.33
C GLU A 152 4.67 16.72 -10.01
N ASN A 153 3.83 17.16 -10.95
CA ASN A 153 3.10 18.40 -10.76
C ASN A 153 2.09 18.32 -9.62
N TYR A 154 1.45 17.17 -9.47
CA TYR A 154 0.56 16.91 -8.36
C TYR A 154 1.32 16.97 -7.03
N ALA A 155 2.47 16.28 -6.98
CA ALA A 155 3.31 16.29 -5.78
C ALA A 155 3.74 17.71 -5.42
N ARG A 156 4.10 18.53 -6.41
CA ARG A 156 4.48 19.90 -6.11
C ARG A 156 3.39 20.65 -5.37
N VAL A 157 2.15 20.49 -5.82
CA VAL A 157 1.03 21.11 -5.12
C VAL A 157 0.94 20.62 -3.67
N LEU A 158 1.13 19.33 -3.47
CA LEU A 158 1.08 18.77 -2.11
C LEU A 158 2.22 19.29 -1.22
N PHE A 159 3.44 19.27 -1.74
CA PHE A 159 4.57 19.77 -0.96
C PHE A 159 4.38 21.25 -0.61
N LYS A 160 3.97 22.04 -1.60
CA LYS A 160 3.82 23.48 -1.40
C LYS A 160 2.78 23.79 -0.35
N ASN A 161 1.66 23.08 -0.39
CA ASN A 161 0.55 23.40 0.48
C ASN A 161 0.63 22.78 1.88
N PHE A 162 1.24 21.60 1.96
CA PHE A 162 1.16 20.79 3.17
C PHE A 162 2.51 20.46 3.82
N GLY A 163 3.60 20.66 3.07
CA GLY A 163 4.92 20.17 3.49
C GLY A 163 5.56 20.92 4.63
N ASP A 164 5.03 22.10 4.96
CA ASP A 164 5.45 22.81 6.16
C ASP A 164 5.05 22.06 7.43
N ARG A 165 4.03 21.20 7.34
CA ARG A 165 3.51 20.44 8.49
C ARG A 165 3.60 18.93 8.31
N VAL A 166 3.77 18.44 7.08
CA VAL A 166 3.88 17.01 6.86
C VAL A 166 5.34 16.71 6.61
N LYS A 167 5.90 15.77 7.39
CA LYS A 167 7.32 15.38 7.28
C LYS A 167 7.52 13.93 6.90
N LEU A 168 6.42 13.21 6.64
CA LEU A 168 6.48 11.83 6.21
C LEU A 168 5.57 11.68 5.02
N TRP A 169 6.16 11.28 3.89
CA TRP A 169 5.43 11.14 2.63
C TRP A 169 5.67 9.77 2.04
N LEU A 170 4.63 9.22 1.41
CA LEU A 170 4.75 8.06 0.54
C LEU A 170 4.26 8.53 -0.83
N THR A 171 5.08 8.33 -1.86
CA THR A 171 4.66 8.70 -3.21
C THR A 171 3.44 7.86 -3.61
N PHE A 172 3.64 6.55 -3.59
CA PHE A 172 2.67 5.57 -4.04
C PHE A 172 2.39 4.53 -2.99
N ASN A 173 1.14 4.07 -2.98
CA ASN A 173 0.78 2.87 -2.24
C ASN A 173 0.60 1.69 -3.18
N ASP A 174 1.40 0.65 -2.96
CA ASP A 174 1.21 -0.67 -3.55
C ASP A 174 0.88 -0.66 -5.06
N PRO A 175 1.85 -0.24 -5.87
CA PRO A 175 1.69 -0.36 -7.32
C PRO A 175 1.67 -1.81 -7.79
N LEU A 176 2.20 -2.77 -7.01
CA LEU A 176 2.03 -4.18 -7.39
C LEU A 176 0.56 -4.52 -7.56
N THR A 177 -0.27 -4.04 -6.64
CA THR A 177 -1.70 -4.26 -6.80
C THR A 177 -2.29 -3.36 -7.86
N PHE A 178 -2.04 -2.04 -7.80
CA PHE A 178 -2.79 -1.19 -8.72
C PHE A 178 -2.39 -1.35 -10.18
N MET A 179 -1.17 -1.84 -10.45
CA MET A 179 -0.83 -2.17 -11.82
C MET A 179 -1.76 -3.27 -12.38
N ASP A 180 -2.32 -4.11 -11.49
CA ASP A 180 -3.20 -5.17 -11.92
CA ASP A 180 -3.25 -5.18 -11.83
C ASP A 180 -4.55 -4.64 -12.42
N GLY A 181 -4.82 -3.36 -12.20
CA GLY A 181 -5.95 -2.73 -12.84
C GLY A 181 -5.83 -2.67 -14.35
N TYR A 182 -4.64 -2.97 -14.89
CA TYR A 182 -4.38 -3.06 -16.30
C TYR A 182 -4.17 -4.51 -16.74
N ALA A 183 -4.57 -5.46 -15.89
CA ALA A 183 -4.40 -6.88 -16.21
C ALA A 183 -5.68 -7.69 -16.09
N SER A 184 -6.85 -7.06 -16.06
CA SER A 184 -8.13 -7.78 -16.02
C SER A 184 -9.27 -6.87 -16.45
N GLU A 185 -10.23 -7.39 -17.21
CA GLU A 185 -11.40 -6.59 -17.57
C GLU A 185 -12.40 -6.39 -16.44
N ILE A 186 -12.32 -7.21 -15.39
CA ILE A 186 -13.29 -7.14 -14.29
C ILE A 186 -12.69 -6.82 -12.92
N GLY A 187 -11.43 -6.40 -12.88
CA GLY A 187 -10.76 -6.26 -11.59
C GLY A 187 -10.63 -4.82 -11.14
N MET A 188 -9.55 -4.55 -10.41
CA MET A 188 -9.27 -3.24 -9.89
C MET A 188 -9.37 -2.17 -10.96
N ALA A 189 -9.82 -0.98 -10.57
CA ALA A 189 -9.90 0.13 -11.53
C ALA A 189 -8.53 0.36 -12.16
N PRO A 190 -8.46 0.64 -13.47
CA PRO A 190 -9.58 0.93 -14.37
C PRO A 190 -10.12 -0.28 -15.12
N SER A 191 -9.79 -1.48 -14.66
CA SER A 191 -10.39 -2.71 -15.16
C SER A 191 -10.14 -2.90 -16.66
N ILE A 192 -8.87 -2.82 -17.03
CA ILE A 192 -8.45 -3.02 -18.40
CA ILE A 192 -8.37 -2.95 -18.39
C ILE A 192 -7.66 -4.30 -18.56
N ASN A 193 -7.98 -5.05 -19.62
CA ASN A 193 -7.43 -6.37 -19.81
C ASN A 193 -6.18 -6.37 -20.70
N THR A 194 -5.04 -5.90 -20.16
CA THR A 194 -3.77 -5.96 -20.87
C THR A 194 -2.71 -6.68 -20.03
N PRO A 195 -3.02 -7.90 -19.53
CA PRO A 195 -2.04 -8.62 -18.71
C PRO A 195 -0.72 -8.86 -19.45
N GLY A 196 0.36 -8.76 -18.71
CA GLY A 196 1.68 -9.04 -19.24
C GLY A 196 2.22 -7.97 -20.17
N ILE A 197 1.47 -6.89 -20.35
CA ILE A 197 1.82 -5.82 -21.29
C ILE A 197 1.55 -4.46 -20.64
N GLY A 198 0.28 -4.15 -20.41
CA GLY A 198 -0.07 -2.85 -19.83
C GLY A 198 0.26 -2.72 -18.36
N ASP A 199 0.20 -3.82 -17.62
CA ASP A 199 0.60 -3.75 -16.22
C ASP A 199 2.10 -3.43 -16.12
N TYR A 200 2.94 -4.05 -16.95
CA TYR A 200 4.35 -3.67 -16.92
C TYR A 200 4.56 -2.21 -17.31
N LEU A 201 3.82 -1.71 -18.32
CA LEU A 201 3.94 -0.29 -18.65
C LEU A 201 3.54 0.59 -17.48
N ALA A 202 2.47 0.21 -16.79
CA ALA A 202 2.05 0.97 -15.62
C ALA A 202 3.15 1.03 -14.56
N ALA A 203 3.76 -0.12 -14.27
CA ALA A 203 4.85 -0.16 -13.30
C ALA A 203 5.99 0.78 -13.70
N HIS A 204 6.32 0.78 -14.98
CA HIS A 204 7.40 1.59 -15.50
C HIS A 204 7.11 3.07 -15.27
N THR A 205 5.89 3.50 -15.57
CA THR A 205 5.51 4.89 -15.33
C THR A 205 5.54 5.24 -13.86
N VAL A 206 5.04 4.34 -13.01
CA VAL A 206 5.05 4.60 -11.58
C VAL A 206 6.46 4.81 -11.04
N ILE A 207 7.38 3.96 -11.47
CA ILE A 207 8.76 4.08 -11.01
C ILE A 207 9.33 5.43 -11.44
N HIS A 208 9.12 5.80 -12.71
CA HIS A 208 9.54 7.10 -13.19
C HIS A 208 8.91 8.23 -12.39
N ALA A 209 7.62 8.10 -12.09
CA ALA A 209 6.89 9.13 -11.36
C ALA A 209 7.45 9.29 -9.95
N HIS A 210 7.64 8.14 -9.28
CA HIS A 210 8.21 8.16 -7.95
C HIS A 210 9.55 8.89 -7.96
N ALA A 211 10.40 8.57 -8.92
CA ALA A 211 11.72 9.20 -8.97
C ALA A 211 11.62 10.70 -9.21
N ARG A 212 10.73 11.11 -10.11
CA ARG A 212 10.54 12.55 -10.31
CA ARG A 212 10.55 12.55 -10.31
C ARG A 212 10.10 13.25 -9.03
N ILE A 213 9.20 12.62 -8.28
CA ILE A 213 8.69 13.22 -7.06
C ILE A 213 9.81 13.35 -6.02
N TYR A 214 10.63 12.31 -5.88
CA TYR A 214 11.74 12.37 -4.94
C TYR A 214 12.73 13.47 -5.31
N HIS A 215 13.12 13.52 -6.58
CA HIS A 215 14.03 14.58 -7.03
C HIS A 215 13.42 15.97 -6.85
N LEU A 216 12.12 16.10 -7.11
CA LEU A 216 11.41 17.35 -6.85
C LEU A 216 11.54 17.78 -5.40
N TYR A 217 11.34 16.84 -4.48
CA TYR A 217 11.49 17.14 -3.07
C TYR A 217 12.90 17.63 -2.80
N ASP A 218 13.90 16.90 -3.30
CA ASP A 218 15.28 17.34 -3.11
C ASP A 218 15.51 18.77 -3.62
N GLN A 219 14.98 19.07 -4.81
CA GLN A 219 15.31 20.33 -5.48
CA GLN A 219 15.28 20.33 -5.51
C GLN A 219 14.53 21.52 -4.96
N GLU A 220 13.25 21.32 -4.64
CA GLU A 220 12.35 22.42 -4.36
C GLU A 220 11.91 22.53 -2.90
N PHE A 221 12.08 21.50 -2.07
CA PHE A 221 11.43 21.49 -0.75
C PHE A 221 12.22 21.00 0.45
N ARG A 222 13.15 20.07 0.25
CA ARG A 222 13.79 19.41 1.39
C ARG A 222 14.53 20.36 2.32
N ALA A 223 15.30 21.28 1.75
CA ALA A 223 16.10 22.18 2.59
C ALA A 223 15.23 22.93 3.57
N GLU A 224 14.06 23.36 3.12
CA GLU A 224 13.14 24.11 3.96
C GLU A 224 12.28 23.23 4.85
N GLN A 225 11.83 22.10 4.34
CA GLN A 225 10.84 21.29 5.03
C GLN A 225 11.38 20.16 5.88
N GLY A 226 12.52 19.59 5.50
CA GLY A 226 13.22 18.63 6.35
C GLY A 226 12.53 17.31 6.59
N GLY A 227 11.68 16.88 5.66
CA GLY A 227 10.93 15.64 5.81
C GLY A 227 11.57 14.48 5.10
N LYS A 228 10.84 13.37 5.00
CA LYS A 228 11.30 12.15 4.39
C LYS A 228 10.27 11.65 3.40
N VAL A 229 10.76 11.13 2.28
CA VAL A 229 9.93 10.60 1.21
C VAL A 229 10.27 9.13 0.97
N GLY A 230 9.24 8.29 1.04
CA GLY A 230 9.39 6.88 0.69
C GLY A 230 8.32 6.44 -0.27
N ILE A 231 8.15 5.13 -0.36
CA ILE A 231 7.14 4.48 -1.20
C ILE A 231 6.69 3.24 -0.44
N SER A 232 5.41 2.89 -0.54
CA SER A 232 4.86 1.72 0.16
C SER A 232 4.67 0.56 -0.81
N LEU A 233 5.31 -0.57 -0.52
CA LEU A 233 5.26 -1.76 -1.36
C LEU A 233 4.64 -2.90 -0.58
N ASN A 234 3.67 -3.57 -1.20
CA ASN A 234 3.08 -4.77 -0.65
C ASN A 234 3.86 -6.00 -1.08
N ILE A 235 4.07 -6.93 -0.15
CA ILE A 235 4.74 -8.17 -0.50
C ILE A 235 4.27 -9.25 0.46
N ASN A 236 3.93 -10.39 -0.10
CA ASN A 236 3.69 -11.61 0.67
C ASN A 236 5.00 -12.37 0.88
N TRP A 237 5.15 -13.00 2.05
CA TRP A 237 6.21 -14.00 2.18
C TRP A 237 5.89 -15.17 1.25
N CYS A 238 6.91 -15.77 0.64
CA CYS A 238 6.74 -16.95 -0.20
C CYS A 238 7.63 -18.05 0.36
N GLU A 239 6.99 -19.03 0.97
CA GLU A 239 7.69 -20.11 1.65
C GLU A 239 7.89 -21.30 0.72
N PRO A 240 9.10 -21.85 0.62
CA PRO A 240 9.28 -22.98 -0.29
C PRO A 240 8.37 -24.13 0.11
N ALA A 241 7.67 -24.69 -0.86
CA ALA A 241 6.74 -25.78 -0.57
C ALA A 241 7.48 -27.00 0.00
N THR A 242 8.69 -27.23 -0.49
CA THR A 242 9.64 -28.20 0.06
C THR A 242 10.99 -27.51 0.20
N ASN A 243 11.93 -28.14 0.91
CA ASN A 243 13.26 -27.56 1.09
C ASN A 243 14.22 -27.63 -0.12
N SER A 244 13.70 -27.99 -1.29
CA SER A 244 14.59 -28.19 -2.41
C SER A 244 15.14 -26.86 -2.92
N ALA A 245 16.31 -26.94 -3.53
CA ALA A 245 16.90 -25.78 -4.19
C ALA A 245 15.96 -25.21 -5.25
N GLU A 246 15.28 -26.09 -5.98
CA GLU A 246 14.35 -25.66 -7.03
C GLU A 246 13.16 -24.88 -6.46
N ASP A 247 12.63 -25.32 -5.32
CA ASP A 247 11.52 -24.57 -4.72
C ASP A 247 12.03 -23.27 -4.12
N ARG A 248 13.23 -23.28 -3.55
CA ARG A 248 13.82 -22.02 -3.10
C ARG A 248 14.00 -21.04 -4.26
N ALA A 249 14.44 -21.52 -5.42
CA ALA A 249 14.59 -20.65 -6.59
C ALA A 249 13.25 -20.01 -6.96
N SER A 250 12.16 -20.78 -6.87
CA SER A 250 10.85 -20.26 -7.24
C SER A 250 10.40 -19.14 -6.29
N CYS A 251 10.76 -19.26 -5.02
CA CYS A 251 10.42 -18.24 -4.04
C CYS A 251 11.23 -16.97 -4.22
N GLU A 252 12.49 -17.11 -4.61
CA GLU A 252 13.30 -15.95 -4.98
C GLU A 252 12.71 -15.27 -6.22
N ASN A 253 12.28 -16.06 -7.20
CA ASN A 253 11.55 -15.49 -8.33
C ASN A 253 10.36 -14.67 -7.84
N TYR A 254 9.60 -15.22 -6.91
CA TYR A 254 8.44 -14.52 -6.40
C TYR A 254 8.85 -13.17 -5.82
N GLN A 255 9.85 -13.19 -4.92
CA GLN A 255 10.26 -11.92 -4.31
C GLN A 255 10.66 -10.90 -5.37
N GLN A 256 11.42 -11.34 -6.37
CA GLN A 256 11.90 -10.38 -7.37
C GLN A 256 10.78 -9.88 -8.28
N PHE A 257 9.80 -10.74 -8.59
CA PHE A 257 8.70 -10.35 -9.48
C PHE A 257 7.63 -9.53 -8.79
N ASN A 258 7.64 -9.48 -7.46
CA ASN A 258 6.56 -8.83 -6.71
C ASN A 258 7.09 -7.61 -5.94
N LEU A 259 8.14 -7.82 -5.15
CA LEU A 259 8.80 -6.72 -4.45
C LEU A 259 9.93 -6.12 -5.31
N GLY A 260 10.80 -6.95 -5.87
CA GLY A 260 11.96 -6.45 -6.60
C GLY A 260 11.62 -5.64 -7.83
N LEU A 261 10.47 -5.91 -8.44
CA LEU A 261 10.00 -5.14 -9.59
CA LEU A 261 9.95 -5.14 -9.58
C LEU A 261 10.08 -3.64 -9.31
N TYR A 262 9.69 -3.22 -8.11
CA TYR A 262 9.72 -1.84 -7.69
C TYR A 262 10.95 -1.52 -6.86
N ALA A 263 11.36 -2.44 -5.97
CA ALA A 263 12.41 -2.10 -5.03
C ALA A 263 13.82 -2.21 -5.63
N HIS A 264 14.04 -3.08 -6.62
CA HIS A 264 15.38 -3.15 -7.19
C HIS A 264 15.76 -1.84 -7.89
N PRO A 265 14.83 -1.23 -8.67
CA PRO A 265 15.24 0.02 -9.31
C PRO A 265 15.57 1.14 -8.33
N ILE A 266 14.89 1.16 -7.19
CA ILE A 266 14.98 2.28 -6.25
C ILE A 266 15.99 2.04 -5.12
N PHE A 267 15.98 0.85 -4.53
CA PHE A 267 16.64 0.61 -3.23
C PHE A 267 17.97 -0.10 -3.31
N THR A 268 18.41 -0.50 -4.50
CA THR A 268 19.73 -1.11 -4.65
C THR A 268 20.74 -0.10 -5.18
N GLU A 269 22.02 -0.42 -5.00
CA GLU A 269 23.07 0.41 -5.57
C GLU A 269 23.12 0.27 -7.08
N GLU A 270 22.77 -0.90 -7.59
CA GLU A 270 22.80 -1.14 -9.04
C GLU A 270 21.64 -0.47 -9.76
N GLY A 271 20.47 -0.46 -9.14
CA GLY A 271 19.27 -0.01 -9.83
C GLY A 271 18.84 -0.97 -10.91
N ASP A 272 17.94 -0.50 -11.76
CA ASP A 272 17.29 -1.28 -12.82
C ASP A 272 16.35 -2.32 -12.22
N TYR A 273 15.58 -2.94 -13.11
CA TYR A 273 14.80 -4.12 -12.71
C TYR A 273 15.73 -5.27 -12.31
N PRO A 274 15.24 -6.21 -11.50
CA PRO A 274 16.02 -7.43 -11.23
C PRO A 274 16.35 -8.18 -12.51
N ALA A 275 17.54 -8.76 -12.57
CA ALA A 275 17.94 -9.53 -13.75
C ALA A 275 16.94 -10.63 -14.08
N VAL A 276 16.41 -11.32 -13.07
CA VAL A 276 15.54 -12.44 -13.38
C VAL A 276 14.25 -11.95 -14.05
N LEU A 277 13.79 -10.76 -13.69
CA LEU A 277 12.61 -10.18 -14.30
CA LEU A 277 12.62 -10.18 -14.29
C LEU A 277 12.89 -9.86 -15.76
N LYS A 278 13.99 -9.15 -16.02
CA LYS A 278 14.34 -8.82 -17.39
C LYS A 278 14.51 -10.08 -18.22
N ASP A 279 15.24 -11.05 -17.69
CA ASP A 279 15.61 -12.22 -18.46
C ASP A 279 14.42 -13.13 -18.75
N ARG A 280 13.58 -13.39 -17.75
CA ARG A 280 12.44 -14.28 -17.97
C ARG A 280 11.45 -13.68 -18.96
N VAL A 281 11.19 -12.39 -18.83
CA VAL A 281 10.24 -11.73 -19.73
C VAL A 281 10.82 -11.68 -21.14
N SER A 282 12.12 -11.40 -21.28
CA SER A 282 12.76 -11.35 -22.58
CA SER A 282 12.68 -11.32 -22.62
C SER A 282 12.63 -12.70 -23.30
N ARG A 283 12.95 -13.76 -22.56
CA ARG A 283 12.88 -15.10 -23.12
C ARG A 283 11.45 -15.45 -23.51
N ASN A 284 10.51 -15.21 -22.61
CA ASN A 284 9.13 -15.56 -22.91
C ASN A 284 8.59 -14.76 -24.10
N SER A 285 8.93 -13.48 -24.17
CA SER A 285 8.48 -12.65 -25.29
C SER A 285 9.04 -13.16 -26.61
N ALA A 286 10.33 -13.52 -26.63
CA ALA A 286 10.92 -14.06 -27.84
C ALA A 286 10.23 -15.37 -28.25
N ASP A 287 9.99 -16.24 -27.28
CA ASP A 287 9.40 -17.55 -27.57
C ASP A 287 7.98 -17.40 -28.12
N GLU A 288 7.30 -16.34 -27.75
CA GLU A 288 5.95 -16.12 -28.24
C GLU A 288 5.90 -15.30 -29.51
N GLY A 289 7.05 -14.89 -30.04
CA GLY A 289 7.08 -14.28 -31.36
C GLY A 289 7.12 -12.77 -31.36
N TYR A 290 7.14 -12.11 -30.20
CA TYR A 290 7.25 -10.65 -30.18
C TYR A 290 8.61 -10.23 -30.68
N THR A 291 8.65 -9.18 -31.50
CA THR A 291 9.92 -8.54 -31.83
C THR A 291 10.59 -7.95 -30.61
N ASP A 292 9.81 -7.33 -29.74
CA ASP A 292 10.31 -6.62 -28.57
C ASP A 292 9.86 -7.30 -27.30
N SER A 293 10.70 -7.28 -26.28
CA SER A 293 10.30 -7.77 -24.98
C SER A 293 9.08 -7.00 -24.50
N ARG A 294 8.18 -7.71 -23.82
CA ARG A 294 7.05 -7.06 -23.17
C ARG A 294 7.46 -6.21 -21.95
N LEU A 295 8.68 -6.38 -21.45
CA LEU A 295 9.13 -5.58 -20.31
C LEU A 295 9.78 -4.29 -20.83
N PRO A 296 9.28 -3.11 -20.43
CA PRO A 296 9.93 -1.87 -20.86
C PRO A 296 11.34 -1.76 -20.26
N GLN A 297 12.16 -0.94 -20.88
CA GLN A 297 13.56 -0.79 -20.51
C GLN A 297 13.85 0.59 -19.95
N PHE A 298 14.78 0.65 -19.00
CA PHE A 298 15.36 1.90 -18.55
C PHE A 298 16.69 2.12 -19.27
N THR A 299 16.96 3.34 -19.70
CA THR A 299 18.30 3.66 -20.17
C THR A 299 19.25 3.75 -18.98
N ALA A 300 20.55 3.78 -19.24
CA ALA A 300 21.52 3.94 -18.16
C ALA A 300 21.30 5.22 -17.38
N GLU A 301 20.97 6.31 -18.07
CA GLU A 301 20.73 7.58 -17.39
C GLU A 301 19.51 7.45 -16.48
N GLU A 302 18.46 6.78 -16.94
CA GLU A 302 17.27 6.59 -16.13
C GLU A 302 17.56 5.71 -14.91
N VAL A 303 18.36 4.66 -15.11
CA VAL A 303 18.74 3.81 -13.98
C VAL A 303 19.38 4.65 -12.89
N GLU A 304 20.32 5.51 -13.28
CA GLU A 304 21.00 6.36 -12.32
C GLU A 304 20.07 7.38 -11.65
N TYR A 305 19.13 7.91 -12.42
CA TYR A 305 18.17 8.86 -11.89
C TYR A 305 17.26 8.22 -10.83
N ILE A 306 16.83 6.99 -11.09
CA ILE A 306 15.85 6.31 -10.25
C ILE A 306 16.48 5.71 -8.99
N ARG A 307 17.67 5.14 -9.11
CA ARG A 307 18.27 4.51 -7.94
C ARG A 307 18.63 5.54 -6.88
N GLY A 308 18.35 5.18 -5.63
CA GLY A 308 18.63 6.05 -4.51
C GLY A 308 17.53 7.03 -4.14
N THR A 309 16.38 6.94 -4.81
CA THR A 309 15.30 7.87 -4.56
C THR A 309 14.44 7.42 -3.37
N HIS A 310 15.03 7.44 -2.19
CA HIS A 310 14.31 6.98 -1.01
C HIS A 310 14.95 7.49 0.26
N ASP A 311 14.09 7.78 1.23
CA ASP A 311 14.53 8.05 2.60
C ASP A 311 14.14 6.92 3.56
N PHE A 312 13.22 6.07 3.13
CA PHE A 312 12.83 4.86 3.87
C PHE A 312 12.00 4.02 2.88
N LEU A 313 11.76 2.77 3.29
CA LEU A 313 10.91 1.83 2.58
C LEU A 313 9.64 1.59 3.38
N GLY A 314 8.48 1.84 2.78
CA GLY A 314 7.21 1.46 3.37
C GLY A 314 6.87 0.04 2.96
N ILE A 315 6.43 -0.77 3.91
CA ILE A 315 6.00 -2.13 3.62
C ILE A 315 4.58 -2.36 4.07
N ASN A 316 3.77 -2.93 3.18
CA ASN A 316 2.45 -3.43 3.51
C ASN A 316 2.55 -4.94 3.54
N PHE A 317 2.31 -5.52 4.72
CA PHE A 317 2.43 -6.95 4.89
C PHE A 317 1.14 -7.53 5.44
N TYR A 318 0.66 -8.60 4.84
CA TYR A 318 -0.57 -9.25 5.27
C TYR A 318 -0.47 -10.77 5.44
N THR A 319 0.26 -11.46 4.57
CA THR A 319 0.13 -12.90 4.48
C THR A 319 1.31 -13.56 3.78
N ALA A 320 1.20 -14.87 3.62
CA ALA A 320 2.22 -15.68 2.97
C ALA A 320 1.57 -16.62 1.97
N LEU A 321 2.40 -17.11 1.05
CA LEU A 321 2.06 -18.15 0.09
C LEU A 321 3.12 -19.24 0.17
N LEU A 322 2.79 -20.42 -0.35
CA LEU A 322 3.78 -21.44 -0.64
C LEU A 322 4.16 -21.35 -2.10
N GLY A 323 5.45 -21.48 -2.39
CA GLY A 323 5.92 -21.49 -3.77
C GLY A 323 6.65 -22.76 -4.11
N LYS A 324 6.39 -23.27 -5.31
CA LYS A 324 7.14 -24.41 -5.82
CA LYS A 324 7.12 -24.42 -5.83
C LYS A 324 7.57 -24.15 -7.25
N SER A 325 8.61 -24.88 -7.64
CA SER A 325 9.17 -24.76 -8.98
CA SER A 325 9.16 -24.74 -8.98
C SER A 325 8.14 -25.10 -10.05
N GLY A 326 8.10 -24.27 -11.09
CA GLY A 326 7.18 -24.48 -12.20
C GLY A 326 6.69 -23.16 -12.73
N VAL A 327 5.80 -23.28 -13.71
CA VAL A 327 5.23 -22.14 -14.39
C VAL A 327 3.74 -22.39 -14.51
N GLU A 328 2.92 -21.41 -14.15
CA GLU A 328 1.51 -21.50 -14.50
C GLU A 328 0.93 -20.09 -14.68
N GLY A 329 -0.30 -20.05 -15.15
CA GLY A 329 -0.94 -18.79 -15.48
C GLY A 329 -1.10 -18.64 -16.97
N TYR A 330 -1.82 -17.60 -17.35
CA TYR A 330 -2.08 -17.34 -18.75
C TYR A 330 -0.92 -16.64 -19.44
N GLU A 331 -0.79 -16.90 -20.73
CA GLU A 331 0.22 -16.26 -21.57
C GLU A 331 -0.45 -15.14 -22.35
N PRO A 332 0.00 -13.88 -22.18
CA PRO A 332 1.05 -13.41 -21.28
C PRO A 332 0.49 -12.94 -19.95
N SER A 333 1.29 -13.06 -18.90
CA SER A 333 0.90 -12.50 -17.61
C SER A 333 2.14 -12.42 -16.72
N ARG A 334 2.10 -11.52 -15.75
CA ARG A 334 3.18 -11.40 -14.77
CA ARG A 334 3.20 -11.43 -14.79
C ARG A 334 3.33 -12.70 -13.97
N TYR A 335 2.21 -13.30 -13.58
CA TYR A 335 2.30 -14.55 -12.81
C TYR A 335 2.98 -15.65 -13.62
N ARG A 336 2.61 -15.79 -14.89
CA ARG A 336 3.26 -16.80 -15.72
C ARG A 336 4.74 -16.49 -15.89
N ASP A 337 5.06 -15.22 -16.15
CA ASP A 337 6.45 -14.82 -16.31
C ASP A 337 7.30 -15.09 -15.06
N SER A 338 6.66 -15.06 -13.88
CA SER A 338 7.40 -15.14 -12.62
C SER A 338 7.98 -16.52 -12.33
N GLY A 339 7.46 -17.59 -12.95
CA GLY A 339 8.10 -18.91 -12.77
C GLY A 339 8.04 -19.42 -11.33
N VAL A 340 6.84 -19.39 -10.78
CA VAL A 340 6.55 -20.02 -9.50
C VAL A 340 5.09 -20.49 -9.51
N ILE A 341 4.83 -21.61 -8.86
CA ILE A 341 3.46 -22.08 -8.68
C ILE A 341 3.10 -21.81 -7.22
N LEU A 342 2.06 -21.01 -7.04
CA LEU A 342 1.68 -20.49 -5.73
C LEU A 342 0.44 -21.16 -5.17
N THR A 343 0.51 -21.51 -3.88
CA THR A 343 -0.63 -22.09 -3.19
C THR A 343 -0.64 -21.53 -1.76
N GLN A 344 -1.65 -21.93 -0.99
CA GLN A 344 -1.61 -21.66 0.44
CA GLN A 344 -1.81 -21.66 0.42
C GLN A 344 -1.82 -22.99 1.18
N ASP A 345 -1.31 -23.03 2.40
CA ASP A 345 -1.41 -24.22 3.25
C ASP A 345 -2.78 -24.23 3.91
N ALA A 346 -3.48 -25.34 3.78
CA ALA A 346 -4.82 -25.51 4.34
C ALA A 346 -4.83 -25.37 5.87
N ALA A 347 -3.68 -25.60 6.49
CA ALA A 347 -3.59 -25.51 7.94
C ALA A 347 -3.55 -24.09 8.51
N TRP A 348 -3.21 -23.11 7.66
CA TRP A 348 -3.09 -21.74 8.12
C TRP A 348 -4.47 -21.19 8.49
N PRO A 349 -4.57 -20.44 9.59
CA PRO A 349 -5.86 -19.85 9.95
C PRO A 349 -6.36 -18.90 8.85
N ILE A 350 -7.67 -18.87 8.68
CA ILE A 350 -8.30 -18.10 7.62
C ILE A 350 -8.77 -16.74 8.13
N SER A 351 -9.19 -15.91 7.19
CA SER A 351 -9.81 -14.61 7.48
C SER A 351 -11.12 -14.54 6.72
N ALA A 352 -11.67 -13.34 6.55
CA ALA A 352 -12.82 -13.14 5.69
C ALA A 352 -12.42 -12.83 4.25
N SER A 353 -11.12 -12.91 3.95
CA SER A 353 -10.60 -12.60 2.62
C SER A 353 -9.89 -13.84 2.09
N SER A 354 -10.30 -14.30 0.91
CA SER A 354 -9.78 -15.54 0.34
CA SER A 354 -9.78 -15.54 0.34
C SER A 354 -8.25 -15.57 0.25
N TRP A 355 -7.67 -14.42 0.01
CA TRP A 355 -6.24 -14.28 -0.23
C TRP A 355 -5.41 -14.20 1.06
N LEU A 356 -6.08 -13.96 2.19
CA LEU A 356 -5.40 -13.60 3.43
C LEU A 356 -5.49 -14.73 4.44
N LYS A 357 -4.36 -15.39 4.66
CA LYS A 357 -4.21 -16.40 5.70
C LYS A 357 -3.25 -15.87 6.77
N VAL A 358 -3.39 -16.37 7.99
CA VAL A 358 -2.62 -15.85 9.11
C VAL A 358 -1.31 -16.63 9.24
N VAL A 359 -0.21 -15.99 8.89
CA VAL A 359 1.10 -16.64 8.86
C VAL A 359 2.14 -15.69 9.47
N PRO A 360 2.10 -15.49 10.79
CA PRO A 360 2.84 -14.37 11.38
C PRO A 360 4.35 -14.51 11.21
N TRP A 361 4.88 -15.74 11.29
CA TRP A 361 6.31 -15.95 11.08
C TRP A 361 6.77 -15.53 9.67
N GLY A 362 5.85 -15.50 8.71
CA GLY A 362 6.19 -15.00 7.37
C GLY A 362 6.59 -13.54 7.39
N PHE A 363 6.07 -12.80 8.35
CA PHE A 363 6.40 -11.37 8.46
C PHE A 363 7.89 -11.22 8.83
N ARG A 364 8.34 -12.00 9.81
CA ARG A 364 9.73 -11.97 10.21
C ARG A 364 10.62 -12.41 9.05
N LYS A 365 10.24 -13.48 8.35
CA LYS A 365 11.02 -13.91 7.19
C LYS A 365 11.12 -12.83 6.13
N GLU A 366 10.02 -12.15 5.84
CA GLU A 366 10.05 -11.10 4.84
C GLU A 366 10.93 -9.94 5.25
N LEU A 367 10.87 -9.54 6.53
CA LEU A 367 11.70 -8.45 7.02
C LEU A 367 13.18 -8.78 6.88
N ASN A 368 13.54 -10.04 7.13
CA ASN A 368 14.92 -10.46 6.93
C ASN A 368 15.31 -10.48 5.45
N TRP A 369 14.41 -10.94 4.58
CA TRP A 369 14.70 -10.92 3.14
C TRP A 369 15.01 -9.49 2.68
N ILE A 370 14.18 -8.54 3.09
CA ILE A 370 14.36 -7.13 2.79
C ILE A 370 15.67 -6.60 3.34
N LYS A 371 15.98 -6.91 4.60
CA LYS A 371 17.23 -6.48 5.21
CA LYS A 371 17.23 -6.47 5.20
C LYS A 371 18.42 -6.92 4.35
N ASN A 372 18.41 -8.19 3.96
CA ASN A 372 19.52 -8.75 3.22
C ASN A 372 19.62 -8.25 1.78
N GLU A 373 18.48 -8.05 1.13
CA GLU A 373 18.47 -7.65 -0.27
C GLU A 373 18.81 -6.17 -0.44
N TYR A 374 18.35 -5.32 0.48
CA TYR A 374 18.42 -3.87 0.30
C TYR A 374 19.34 -3.20 1.32
N ASN A 375 20.17 -3.99 2.01
CA ASN A 375 21.14 -3.45 2.96
C ASN A 375 20.48 -2.70 4.12
N ASN A 376 19.50 -3.36 4.70
CA ASN A 376 18.85 -2.89 5.92
C ASN A 376 18.36 -1.44 5.83
N PRO A 377 17.51 -1.13 4.85
CA PRO A 377 16.93 0.20 4.83
C PRO A 377 16.01 0.44 6.04
N PRO A 378 15.84 1.70 6.44
CA PRO A 378 14.77 1.95 7.41
C PRO A 378 13.43 1.52 6.79
N VAL A 379 12.68 0.72 7.55
CA VAL A 379 11.42 0.17 7.08
C VAL A 379 10.30 0.67 7.98
N PHE A 380 9.27 1.24 7.36
CA PHE A 380 8.08 1.66 8.09
C PHE A 380 6.96 0.73 7.63
N ILE A 381 6.36 0.00 8.55
CA ILE A 381 5.25 -0.88 8.20
C ILE A 381 4.03 -0.01 8.03
N THR A 382 3.65 0.22 6.79
CA THR A 382 2.56 1.15 6.52
C THR A 382 1.18 0.50 6.52
N GLU A 383 1.13 -0.84 6.41
CA GLU A 383 -0.11 -1.59 6.57
C GLU A 383 0.18 -2.97 7.10
N ASN A 384 -0.72 -3.43 7.98
CA ASN A 384 -0.76 -4.80 8.45
C ASN A 384 -2.14 -4.94 9.13
N GLY A 385 -2.89 -5.98 8.79
CA GLY A 385 -4.23 -6.13 9.36
C GLY A 385 -4.93 -7.36 8.84
N PHE A 386 -6.19 -7.49 9.28
CA PHE A 386 -6.92 -8.75 9.24
C PHE A 386 -8.39 -8.49 9.01
N SER A 387 -9.03 -9.34 8.22
CA SER A 387 -10.45 -9.19 7.95
C SER A 387 -11.33 -10.20 8.68
N ASP A 388 -12.52 -9.73 9.04
CA ASP A 388 -13.62 -10.58 9.45
C ASP A 388 -14.88 -10.01 8.81
N TYR A 389 -16.03 -10.61 9.09
CA TYR A 389 -17.28 -10.18 8.49
C TYR A 389 -18.06 -9.22 9.37
N GLY A 390 -17.56 -8.96 10.58
CA GLY A 390 -18.25 -8.09 11.52
C GLY A 390 -17.97 -8.54 12.93
N GLY A 391 -18.44 -7.74 13.89
CA GLY A 391 -18.32 -8.07 15.31
C GLY A 391 -17.29 -7.23 16.04
N LEU A 392 -17.59 -6.93 17.29
CA LEU A 392 -16.72 -6.14 18.16
C LEU A 392 -15.77 -6.99 18.98
N ASN A 393 -16.14 -8.25 19.24
CA ASN A 393 -15.27 -9.13 19.99
CA ASN A 393 -15.30 -9.16 19.99
C ASN A 393 -14.37 -9.87 19.01
N ASP A 394 -13.45 -9.12 18.42
CA ASP A 394 -12.70 -9.57 17.26
C ASP A 394 -11.42 -10.30 17.65
N THR A 395 -11.61 -11.46 18.27
CA THR A 395 -10.50 -12.25 18.78
CA THR A 395 -10.47 -12.22 18.79
C THR A 395 -9.47 -12.60 17.71
N GLY A 396 -9.95 -12.91 16.51
CA GLY A 396 -9.04 -13.23 15.40
C GLY A 396 -8.13 -12.05 15.09
N ARG A 397 -8.71 -10.85 15.04
CA ARG A 397 -7.93 -9.65 14.78
C ARG A 397 -6.95 -9.35 15.91
N VAL A 398 -7.38 -9.51 17.15
CA VAL A 398 -6.48 -9.32 18.29
C VAL A 398 -5.28 -10.25 18.16
N HIS A 399 -5.53 -11.53 17.90
CA HIS A 399 -4.47 -12.52 17.74
C HIS A 399 -3.55 -12.17 16.56
N TYR A 400 -4.14 -11.73 15.45
CA TYR A 400 -3.36 -11.35 14.30
C TYR A 400 -2.38 -10.25 14.68
N TYR A 401 -2.88 -9.20 15.36
CA TYR A 401 -2.01 -8.08 15.69
C TYR A 401 -0.93 -8.47 16.70
N THR A 402 -1.32 -9.18 17.75
CA THR A 402 -0.33 -9.48 18.78
C THR A 402 0.76 -10.39 18.22
N GLU A 403 0.40 -11.36 17.40
CA GLU A 403 1.39 -12.24 16.79
C GLU A 403 2.27 -11.49 15.78
N HIS A 404 1.68 -10.65 14.94
CA HIS A 404 2.51 -9.95 13.95
C HIS A 404 3.43 -8.96 14.62
N LEU A 405 2.95 -8.27 15.66
CA LEU A 405 3.82 -7.36 16.38
C LEU A 405 4.93 -8.08 17.12
N LYS A 406 4.66 -9.26 17.68
CA LYS A 406 5.72 -10.05 18.28
C LYS A 406 6.78 -10.44 17.25
N GLU A 407 6.34 -10.87 16.08
CA GLU A 407 7.28 -11.28 15.04
C GLU A 407 8.12 -10.10 14.56
N MET A 408 7.49 -8.93 14.41
CA MET A 408 8.22 -7.72 14.05
C MET A 408 9.26 -7.34 15.11
N LEU A 409 8.88 -7.44 16.39
CA LEU A 409 9.80 -7.13 17.48
C LEU A 409 10.96 -8.12 17.50
N LYS A 410 10.76 -9.39 17.15
CA LYS A 410 11.88 -10.31 17.00
C LYS A 410 12.78 -9.87 15.85
N ALA A 411 12.19 -9.46 14.73
CA ALA A 411 12.99 -8.97 13.61
C ALA A 411 13.86 -7.78 14.04
N ILE A 412 13.29 -6.89 14.84
CA ILE A 412 14.06 -5.74 15.31
C ILE A 412 15.16 -6.16 16.28
N HIS A 413 14.76 -6.82 17.35
CA HIS A 413 15.67 -7.06 18.47
C HIS A 413 16.60 -8.22 18.26
N GLU A 414 16.09 -9.32 17.70
CA GLU A 414 16.93 -10.49 17.46
C GLU A 414 17.69 -10.46 16.14
N ASP A 415 17.08 -9.88 15.12
CA ASP A 415 17.62 -9.95 13.76
C ASP A 415 18.25 -8.65 13.27
N GLY A 416 18.08 -7.58 14.03
CA GLY A 416 18.71 -6.31 13.66
C GLY A 416 18.07 -5.59 12.48
N VAL A 417 16.80 -5.87 12.20
CA VAL A 417 16.12 -5.19 11.10
C VAL A 417 15.72 -3.77 11.56
N ASN A 418 16.04 -2.76 10.75
CA ASN A 418 15.75 -1.38 11.12
C ASN A 418 14.31 -0.97 10.83
N VAL A 419 13.37 -1.54 11.57
CA VAL A 419 11.98 -1.14 11.46
C VAL A 419 11.75 0.09 12.34
N ILE A 420 11.19 1.14 11.76
CA ILE A 420 11.06 2.45 12.40
C ILE A 420 9.63 2.85 12.77
N GLY A 421 8.64 2.15 12.25
CA GLY A 421 7.27 2.48 12.59
C GLY A 421 6.30 1.46 12.06
N TYR A 422 5.05 1.60 12.50
CA TYR A 422 4.01 0.63 12.18
C TYR A 422 2.64 1.31 12.29
N THR A 423 1.90 1.29 11.19
CA THR A 423 0.49 1.73 11.19
C THR A 423 -0.43 0.57 10.82
N ALA A 424 -1.32 0.24 11.74
CA ALA A 424 -2.32 -0.81 11.53
C ALA A 424 -3.26 -0.46 10.38
N TRP A 425 -3.53 -1.45 9.51
CA TRP A 425 -4.61 -1.34 8.53
C TRP A 425 -5.84 -2.04 9.08
N SER A 426 -6.94 -1.37 9.40
CA SER A 426 -7.19 0.05 9.19
C SER A 426 -7.75 0.65 10.48
N LEU A 427 -7.66 1.96 10.60
CA LEU A 427 -8.31 2.68 11.68
C LEU A 427 -9.77 2.26 11.83
N MET A 428 -10.49 2.15 10.72
CA MET A 428 -11.92 1.84 10.77
CA MET A 428 -11.88 1.74 10.83
C MET A 428 -12.33 0.98 9.59
N ASP A 429 -13.43 0.23 9.76
CA ASP A 429 -14.03 -0.48 8.64
C ASP A 429 -14.27 0.54 7.53
N ASN A 430 -14.07 0.12 6.29
CA ASN A 430 -14.14 1.09 5.20
C ASN A 430 -14.55 0.38 3.91
N PHE A 431 -14.54 1.09 2.78
CA PHE A 431 -14.86 0.49 1.50
C PHE A 431 -13.68 -0.34 1.03
N GLU A 432 -13.83 -1.66 1.07
CA GLU A 432 -12.75 -2.60 0.75
C GLU A 432 -12.76 -2.94 -0.75
N TRP A 433 -12.63 -1.90 -1.57
CA TRP A 433 -12.46 -2.06 -3.01
C TRP A 433 -13.53 -2.98 -3.60
N LEU A 434 -13.14 -4.01 -4.36
CA LEU A 434 -14.12 -4.86 -5.03
C LEU A 434 -14.96 -5.69 -4.05
N ARG A 435 -14.55 -5.71 -2.78
CA ARG A 435 -15.31 -6.44 -1.75
C ARG A 435 -16.34 -5.54 -1.08
N GLY A 436 -16.43 -4.28 -1.49
CA GLY A 436 -17.44 -3.40 -0.92
C GLY A 436 -17.27 -3.29 0.59
N TYR A 437 -18.40 -3.30 1.30
CA TYR A 437 -18.39 -3.22 2.77
C TYR A 437 -18.50 -4.61 3.40
N SER A 438 -18.29 -5.66 2.60
CA SER A 438 -18.51 -7.03 3.09
C SER A 438 -17.37 -7.55 3.95
N GLU A 439 -16.16 -7.04 3.73
CA GLU A 439 -14.99 -7.45 4.50
C GLU A 439 -14.56 -6.29 5.37
N LYS A 440 -14.36 -6.59 6.66
CA LYS A 440 -14.08 -5.59 7.66
C LYS A 440 -12.62 -5.70 8.08
N PHE A 441 -11.87 -4.61 7.92
CA PHE A 441 -10.47 -4.56 8.33
C PHE A 441 -10.24 -3.59 9.50
N GLY A 442 -11.28 -2.90 9.96
CA GLY A 442 -11.08 -1.90 10.98
C GLY A 442 -10.75 -2.41 12.38
N ILE A 443 -10.08 -1.57 13.14
CA ILE A 443 -10.02 -1.74 14.59
C ILE A 443 -11.17 -0.99 15.28
N TYR A 444 -11.75 -0.02 14.58
CA TYR A 444 -13.05 0.56 14.91
C TYR A 444 -14.10 0.07 13.92
N ALA A 445 -15.27 -0.28 14.44
CA ALA A 445 -16.42 -0.63 13.62
C ALA A 445 -17.17 0.63 13.21
N VAL A 446 -17.76 0.57 12.01
CA VAL A 446 -18.57 1.66 11.49
C VAL A 446 -19.89 1.10 10.99
N ASP A 447 -20.99 1.72 11.42
CA ASP A 447 -22.32 1.31 10.97
C ASP A 447 -22.66 2.02 9.68
N PHE A 448 -22.57 1.29 8.56
CA PHE A 448 -22.80 1.87 7.24
C PHE A 448 -24.28 2.05 6.89
N GLU A 449 -25.14 1.64 7.81
CA GLU A 449 -26.58 1.86 7.68
C GLU A 449 -27.03 3.09 8.47
N ASP A 450 -26.12 3.68 9.24
CA ASP A 450 -26.40 4.84 10.06
C ASP A 450 -25.80 6.06 9.38
N PRO A 451 -26.62 7.03 8.95
CA PRO A 451 -26.06 8.18 8.22
C PRO A 451 -24.97 8.94 8.98
N ALA A 452 -24.97 8.83 10.31
CA ALA A 452 -23.94 9.47 11.15
C ALA A 452 -22.61 8.72 11.16
N ARG A 453 -22.59 7.50 10.64
CA ARG A 453 -21.38 6.68 10.56
C ARG A 453 -20.57 6.66 11.87
N PRO A 454 -21.22 6.28 12.98
CA PRO A 454 -20.45 6.25 14.24
C PRO A 454 -19.31 5.24 14.19
N ARG A 455 -18.17 5.61 14.77
CA ARG A 455 -17.03 4.70 14.91
C ARG A 455 -17.00 4.21 16.35
N ILE A 456 -16.95 2.89 16.53
CA ILE A 456 -16.95 2.32 17.87
CA ILE A 456 -17.03 2.23 17.83
C ILE A 456 -15.82 1.31 18.01
N PRO A 457 -15.12 1.33 19.16
CA PRO A 457 -13.93 0.48 19.27
C PRO A 457 -14.26 -1.00 19.35
N LYS A 458 -13.51 -1.81 18.60
CA LYS A 458 -13.52 -3.25 18.78
C LYS A 458 -12.51 -3.64 19.86
N GLU A 459 -12.53 -4.90 20.29
CA GLU A 459 -11.51 -5.37 21.21
C GLU A 459 -10.09 -5.10 20.68
N SER A 460 -9.87 -5.25 19.37
CA SER A 460 -8.55 -4.96 18.82
C SER A 460 -8.12 -3.52 19.05
N ALA A 461 -9.04 -2.56 18.97
CA ALA A 461 -8.68 -1.17 19.25
C ALA A 461 -8.25 -1.01 20.71
N LYS A 462 -8.90 -1.75 21.61
CA LYS A 462 -8.57 -1.64 23.02
C LYS A 462 -7.20 -2.24 23.30
N VAL A 463 -6.93 -3.39 22.68
CA VAL A 463 -5.63 -4.06 22.84
C VAL A 463 -4.51 -3.22 22.20
N LEU A 464 -4.75 -2.68 21.01
CA LEU A 464 -3.74 -1.81 20.40
C LEU A 464 -3.50 -0.55 21.23
N ALA A 465 -4.56 0.00 21.84
CA ALA A 465 -4.37 1.15 22.70
C ALA A 465 -3.48 0.81 23.90
N GLU A 466 -3.69 -0.38 24.46
CA GLU A 466 -2.89 -0.88 25.57
C GLU A 466 -1.42 -1.06 25.13
N ILE A 467 -1.21 -1.62 23.95
CA ILE A 467 0.14 -1.73 23.41
C ILE A 467 0.79 -0.36 23.19
N MET A 468 0.03 0.57 22.62
CA MET A 468 0.59 1.91 22.38
C MET A 468 0.89 2.67 23.67
N ASN A 469 0.05 2.47 24.67
CA ASN A 469 0.23 3.16 25.95
C ASN A 469 1.41 2.59 26.73
N THR A 470 1.49 1.27 26.79
CA THR A 470 2.54 0.61 27.57
C THR A 470 3.84 0.44 26.80
N ARG A 471 3.77 0.54 25.48
CA ARG A 471 4.93 0.38 24.59
C ARG A 471 5.54 -1.02 24.66
N LYS A 472 4.69 -1.99 24.98
CA LYS A 472 5.14 -3.38 24.99
C LYS A 472 3.98 -4.31 24.67
N ILE A 473 4.30 -5.56 24.39
CA ILE A 473 3.31 -6.60 24.22
C ILE A 473 2.89 -7.07 25.62
N PRO A 474 1.60 -6.96 25.98
CA PRO A 474 1.16 -7.39 27.30
C PRO A 474 1.47 -8.86 27.57
N GLU A 475 1.76 -9.15 28.84
CA GLU A 475 2.20 -10.48 29.21
CA GLU A 475 2.17 -10.47 29.27
C GLU A 475 1.24 -11.58 28.76
N ARG A 476 -0.06 -11.32 28.78
CA ARG A 476 -1.00 -12.38 28.44
C ARG A 476 -0.93 -12.82 26.97
N PHE A 477 -0.25 -12.03 26.14
CA PHE A 477 -0.10 -12.38 24.74
C PHE A 477 1.28 -12.93 24.39
N ARG A 478 2.16 -13.05 25.38
CA ARG A 478 3.50 -13.54 25.14
C ARG A 478 3.53 -15.06 25.05
N ASP A 479 4.51 -15.61 24.35
CA ASP A 479 4.64 -17.06 24.19
C ASP A 479 4.75 -17.79 25.53
C1 GBE B . -4.03 -3.43 0.62
O1 GBE B . -3.52 -4.06 -0.55
C2 GBE B . -4.44 -1.96 0.39
O2 GBE B . -3.35 -1.01 0.36
C3 GBE B . -5.61 -1.44 1.23
O3 GBE B . -6.14 -0.31 0.50
C4 GBE B . -6.63 -2.57 1.35
O4 GBE B . -7.79 -2.11 2.04
C5 GBE B . -5.99 -3.81 1.98
O5 GBE B . -5.10 -4.32 0.98
C6 GBE B . -6.90 -4.98 2.37
O6 GBE B . -7.29 -5.73 1.22
OAA GBE B . -7.35 -13.26 -4.96
OAB GBE B . -9.26 -12.40 -3.77
OAG GBE B . -9.39 -12.72 -6.17
CAH GBE B . -7.00 -10.29 -4.22
CAJ GBE B . -2.65 -5.19 -0.34
CAK GBE B . -6.44 -8.90 -4.51
CAL GBE B . -3.34 -6.55 -0.38
CAM GBE B . -6.11 -8.31 -2.22
CAN GBE B . -4.70 -7.30 -3.88
CAO GBE B . -5.04 -7.96 -1.19
CAP GBE B . -3.66 -6.91 -2.82
CAQ GBE B . -7.97 -10.77 -5.30
NAY GBE B . -5.43 -8.52 -3.51
NAZ GBE B . -4.30 -6.74 -1.51
SBA GBE B . -8.51 -12.32 -5.04
C1 GOL C . 6.36 -18.24 -23.39
O1 GOL C . 6.14 -19.08 -24.51
C2 GOL C . 5.78 -18.85 -22.13
O2 GOL C . 4.37 -18.77 -22.16
C3 GOL C . 6.24 -20.30 -21.99
O3 GOL C . 5.84 -20.84 -20.76
NA NA D . -1.23 25.54 -5.16
CL CL E . -2.38 -10.46 32.69
#